data_8C6Z
#
_entry.id   8C6Z
#
_cell.length_a   67.401
_cell.length_b   67.401
_cell.length_c   355.823
_cell.angle_alpha   90.000
_cell.angle_beta   90.000
_cell.angle_gamma   90.000
#
_symmetry.space_group_name_H-M   'P 41 21 2'
#
loop_
_entity.id
_entity.type
_entity.pdbx_description
1 polymer 'Chitinase B'
2 non-polymer 'COBALT (II) ION'
3 non-polymer 'CADMIUM ION'
4 non-polymer "1,1'-PROPANE-1,3-DIYLBIS(3,7-DIMETHYL-3,7-DIHYDRO-1H-PURINE-2,6-DIONE)"
5 water water
#
_entity_poly.entity_id   1
_entity_poly.type   'polypeptide(L)'
_entity_poly.pdbx_seq_one_letter_code
;MNTISVKAMSKSSDTTEITSQSTTKLRNVMYYGDWSIWGGQGNFYPKDIPADKLTHLNFAFMDFNSSGELIYCDKDAAIG
HPLGNLGVTYGDVNGGILNAFQVLKSENPNLKIGVSLGGWSKSGDFSTIAATPSIRAKFVENVMKFIKYTNMDFVDIDWE
YPGDYREPDKTDNINDEGTPNASAGDKENYILLLQDLKEALNKQGKELGKVYELSVALPAGVSKIEKGIDVDKLFNIVDF
ANIMTYDMAGAWSTTSGHQTALYTNPNAPEEYKGLSVDESVKYYISQGAEREKIVVGAAYYTRGWEQVSDKGTDPNNPGL
FGEAAVVNKDADLSPTPGALNEAPMKNGEGGRAGGVWGYNALDKLKSKYTGLKEYWDDSAKAPYLYNSETGAFFTYDNIR
SIQEKAKYVKENNLGGIIGWMASQDATTNSTKRDELTTATKESLFGKEDLPKYEIKYTENDITCTVTPVKQSWGSGGVLK
MSITNNEKLDESGEVLSTVETSAKTVKNMKVYIKTDGIAITGSQYPAGPVTKEGDYYVIDFGKISDGKLMKAGITFTFDL
NLDKAIEDTNNIISIEVSQRMYQTSPEFNRQTIWENTNSPRNKGELEGKPIPNPLLGLDSTRTGHHHHHH
;
_entity_poly.pdbx_strand_id   A
#
# COMPACT_ATOMS: atom_id res chain seq x y z
N LYS A 25 11.53 -14.67 -7.51
CA LYS A 25 11.06 -15.57 -6.46
C LYS A 25 10.81 -14.81 -5.12
N LEU A 26 11.74 -13.99 -4.65
CA LEU A 26 11.51 -13.40 -3.33
C LEU A 26 10.71 -12.11 -3.41
N ARG A 27 10.15 -11.73 -2.28
CA ARG A 27 9.31 -10.54 -2.14
C ARG A 27 9.79 -9.68 -0.99
N ASN A 28 9.75 -8.37 -1.18
CA ASN A 28 9.91 -7.41 -0.11
C ASN A 28 8.66 -6.55 -0.08
N VAL A 29 7.81 -6.81 0.91
CA VAL A 29 6.45 -6.26 1.01
C VAL A 29 6.41 -5.20 2.11
N MET A 30 5.64 -4.14 1.86
CA MET A 30 5.51 -3.06 2.83
C MET A 30 4.08 -2.58 2.93
N TYR A 31 3.62 -2.43 4.16
CA TYR A 31 2.38 -1.74 4.47
C TYR A 31 2.58 -0.22 4.50
N TYR A 32 1.66 0.51 3.87
CA TYR A 32 1.58 1.96 4.00
C TYR A 32 0.18 2.32 4.45
N GLY A 33 0.06 2.76 5.71
CA GLY A 33 -1.23 3.22 6.21
C GLY A 33 -1.62 4.55 5.59
N ASP A 34 -2.91 4.69 5.30
CA ASP A 34 -3.36 5.96 4.73
C ASP A 34 -3.17 7.13 5.69
N TRP A 35 -3.00 6.85 6.99
CA TRP A 35 -2.82 7.90 7.99
C TRP A 35 -1.35 8.30 8.12
N SER A 36 -0.47 7.72 7.29
CA SER A 36 0.90 8.17 7.21
C SER A 36 0.97 9.66 6.87
N ILE A 37 -0.01 10.16 6.12
CA ILE A 37 0.10 11.50 5.56
C ILE A 37 -0.23 12.61 6.56
N TRP A 38 -0.75 12.27 7.74
CA TRP A 38 -1.17 13.27 8.71
C TRP A 38 -0.05 13.48 9.74
N GLY A 39 -0.23 14.47 10.61
CA GLY A 39 0.84 14.89 11.52
C GLY A 39 1.31 13.80 12.47
N GLY A 40 0.44 12.86 12.81
CA GLY A 40 0.81 11.83 13.76
C GLY A 40 1.92 10.93 13.24
N GLN A 41 2.11 10.86 11.94
CA GLN A 41 3.23 10.12 11.36
C GLN A 41 4.25 11.05 10.72
N GLY A 42 4.23 12.33 11.09
CA GLY A 42 5.17 13.24 10.46
C GLY A 42 4.89 13.59 9.01
N ASN A 43 3.65 13.48 8.55
CA ASN A 43 3.25 13.94 7.22
C ASN A 43 4.08 13.25 6.12
N PHE A 44 4.01 11.93 6.11
CA PHE A 44 4.84 11.10 5.26
C PHE A 44 4.05 10.76 4.00
N TYR A 45 4.45 11.37 2.85
CA TYR A 45 3.73 11.23 1.60
C TYR A 45 4.34 10.10 0.78
N PRO A 46 3.57 9.50 -0.14
CA PRO A 46 4.10 8.31 -0.82
C PRO A 46 5.35 8.58 -1.63
N LYS A 47 5.59 9.84 -2.02
CA LYS A 47 6.76 10.12 -2.85
C LYS A 47 8.05 9.92 -2.08
N ASP A 48 7.97 9.84 -0.75
CA ASP A 48 9.15 9.54 0.06
C ASP A 48 9.24 8.08 0.49
N ILE A 49 8.46 7.18 -0.13
CA ILE A 49 8.62 5.74 0.06
C ILE A 49 9.76 5.26 -0.84
N PRO A 50 10.73 4.45 -0.32
CA PRO A 50 11.79 3.94 -1.20
C PRO A 50 11.26 2.83 -2.11
N ALA A 51 10.43 3.19 -3.10
CA ALA A 51 9.77 2.18 -3.93
C ALA A 51 10.74 1.30 -4.70
N ASP A 52 11.93 1.80 -5.05
CA ASP A 52 12.83 0.91 -5.79
C ASP A 52 13.44 -0.20 -4.92
N LYS A 53 13.11 -0.27 -3.64
CA LYS A 53 13.58 -1.33 -2.76
C LYS A 53 12.50 -2.35 -2.44
N LEU A 54 11.30 -2.22 -3.00
CA LEU A 54 10.14 -3.03 -2.64
C LEU A 54 9.70 -3.80 -3.86
N THR A 55 9.14 -5.01 -3.65
CA THR A 55 8.39 -5.68 -4.69
C THR A 55 6.88 -5.43 -4.58
N HIS A 56 6.36 -5.19 -3.38
CA HIS A 56 4.93 -5.02 -3.23
C HIS A 56 4.66 -3.92 -2.22
N LEU A 57 3.68 -3.06 -2.52
CA LEU A 57 3.32 -1.95 -1.66
C LEU A 57 1.82 -2.05 -1.38
N ASN A 58 1.46 -2.23 -0.09
CA ASN A 58 0.07 -2.47 0.33
C ASN A 58 -0.57 -1.18 0.85
N PHE A 59 -1.65 -0.77 0.22
CA PHE A 59 -2.47 0.35 0.75
C PHE A 59 -3.31 -0.16 1.91
N ALA A 60 -3.11 0.41 3.10
CA ALA A 60 -3.78 -0.02 4.33
C ALA A 60 -4.66 1.11 4.84
N PHE A 61 -5.99 0.96 4.83
CA PHE A 61 -6.75 -0.16 4.29
C PHE A 61 -7.98 0.40 3.61
N MET A 62 -8.60 -0.42 2.76
CA MET A 62 -9.97 -0.21 2.35
C MET A 62 -10.92 -0.99 3.26
N ASP A 63 -12.03 -0.36 3.61
CA ASP A 63 -13.12 -0.91 4.41
C ASP A 63 -14.22 -1.35 3.47
N PHE A 64 -15.25 -1.97 4.04
CA PHE A 64 -16.35 -2.47 3.23
C PHE A 64 -17.44 -2.83 4.20
N ASN A 65 -18.71 -2.66 3.78
CA ASN A 65 -19.79 -2.88 4.72
C ASN A 65 -20.38 -4.29 4.56
N SER A 66 -21.45 -4.56 5.32
CA SER A 66 -22.02 -5.90 5.32
C SER A 66 -22.68 -6.25 4.00
N SER A 67 -22.87 -5.31 3.09
CA SER A 67 -23.45 -5.59 1.78
C SER A 67 -22.39 -5.76 0.71
N GLY A 68 -21.12 -5.76 1.09
CA GLY A 68 -20.06 -5.92 0.12
C GLY A 68 -19.70 -4.66 -0.64
N GLU A 69 -20.15 -3.50 -0.19
CA GLU A 69 -19.76 -2.26 -0.85
C GLU A 69 -18.51 -1.74 -0.17
N LEU A 70 -17.59 -1.24 -0.99
CA LEU A 70 -16.36 -0.67 -0.49
C LEU A 70 -16.62 0.67 0.19
N ILE A 71 -15.80 0.97 1.19
CA ILE A 71 -15.99 2.15 2.05
C ILE A 71 -14.60 2.69 2.40
N TYR A 72 -14.34 3.97 2.09
CA TYR A 72 -13.03 4.50 2.43
C TYR A 72 -12.91 4.60 3.95
N CYS A 73 -11.70 4.37 4.46
CA CYS A 73 -11.39 4.92 5.77
C CYS A 73 -11.39 6.44 5.74
N ASP A 74 -10.65 7.04 4.78
CA ASP A 74 -10.51 8.50 4.71
C ASP A 74 -10.51 8.87 3.23
N LYS A 75 -11.63 9.42 2.76
CA LYS A 75 -11.74 9.72 1.33
C LYS A 75 -10.64 10.67 0.88
N ASP A 76 -10.41 11.75 1.63
CA ASP A 76 -9.43 12.76 1.22
C ASP A 76 -8.04 12.15 0.98
N ALA A 77 -7.58 11.37 1.95
CA ALA A 77 -6.29 10.74 1.83
C ALA A 77 -6.21 9.87 0.57
N ALA A 78 -7.27 9.13 0.31
CA ALA A 78 -7.24 8.19 -0.80
C ALA A 78 -7.36 8.88 -2.14
N ILE A 79 -8.12 9.98 -2.25
CA ILE A 79 -8.45 10.50 -3.58
C ILE A 79 -8.14 11.99 -3.78
N GLY A 80 -7.80 12.71 -2.72
CA GLY A 80 -7.78 14.15 -2.86
C GLY A 80 -6.56 14.93 -2.39
N HIS A 81 -5.79 14.38 -1.44
CA HIS A 81 -4.69 15.13 -0.84
C HIS A 81 -3.63 15.42 -1.91
N PRO A 82 -2.99 16.58 -1.88
CA PRO A 82 -1.95 16.88 -2.90
C PRO A 82 -0.66 16.14 -2.68
N LEU A 83 -0.38 15.68 -1.44
CA LEU A 83 0.74 14.79 -1.14
C LEU A 83 2.07 15.42 -1.54
N GLY A 84 2.14 16.74 -1.41
CA GLY A 84 3.35 17.48 -1.62
C GLY A 84 3.70 17.72 -3.06
N ASN A 85 2.82 17.40 -3.99
CA ASN A 85 3.12 17.55 -5.41
C ASN A 85 2.77 18.96 -5.90
N LEU A 86 3.78 19.64 -6.43
CA LEU A 86 3.59 21.00 -6.91
C LEU A 86 2.57 20.98 -8.04
N GLY A 87 1.58 21.84 -7.93
CA GLY A 87 0.62 21.91 -8.99
C GLY A 87 -0.57 21.02 -8.83
N VAL A 88 -0.70 20.29 -7.71
CA VAL A 88 -1.94 19.59 -7.39
C VAL A 88 -2.67 20.42 -6.36
N THR A 89 -3.87 20.85 -6.69
CA THR A 89 -4.72 21.57 -5.74
C THR A 89 -5.59 20.54 -5.01
N TYR A 90 -5.66 20.67 -3.70
CA TYR A 90 -6.43 19.75 -2.86
C TYR A 90 -7.79 19.46 -3.49
N GLY A 91 -8.10 18.19 -3.69
CA GLY A 91 -9.34 17.81 -4.31
C GLY A 91 -9.28 17.56 -5.81
N ASP A 92 -8.29 18.13 -6.52
CA ASP A 92 -8.07 17.76 -7.92
C ASP A 92 -8.09 16.25 -8.04
N VAL A 93 -8.73 15.72 -9.09
CA VAL A 93 -8.88 14.28 -9.21
C VAL A 93 -7.55 13.54 -9.32
N ASN A 94 -6.46 14.24 -9.66
CA ASN A 94 -5.19 13.53 -9.72
C ASN A 94 -4.50 13.47 -8.33
N GLY A 95 -5.15 13.97 -7.28
CA GLY A 95 -4.60 13.90 -5.95
C GLY A 95 -4.86 12.53 -5.35
N GLY A 96 -4.54 12.41 -4.06
CA GLY A 96 -4.78 11.16 -3.34
C GLY A 96 -3.66 10.13 -3.45
N ILE A 97 -3.64 9.24 -2.42
CA ILE A 97 -2.64 8.18 -2.32
C ILE A 97 -2.76 7.19 -3.48
N LEU A 98 -3.99 6.83 -3.89
CA LEU A 98 -4.12 5.77 -4.88
C LEU A 98 -3.43 6.19 -6.17
N ASN A 99 -3.61 7.47 -6.59
CA ASN A 99 -2.88 8.00 -7.74
C ASN A 99 -1.37 8.08 -7.48
N ALA A 100 -0.96 8.46 -6.27
CA ALA A 100 0.48 8.49 -5.96
C ALA A 100 1.10 7.10 -6.08
N PHE A 101 0.33 6.03 -5.74
CA PHE A 101 0.86 4.67 -5.91
C PHE A 101 1.10 4.37 -7.37
N GLN A 102 0.18 4.79 -8.24
CA GLN A 102 0.46 4.61 -9.66
C GLN A 102 1.74 5.32 -10.06
N VAL A 103 1.96 6.53 -9.55
CA VAL A 103 3.19 7.24 -9.94
C VAL A 103 4.43 6.51 -9.42
N LEU A 104 4.39 5.99 -8.17
CA LEU A 104 5.51 5.19 -7.67
C LEU A 104 5.82 4.01 -8.58
N LYS A 105 4.77 3.34 -9.08
CA LYS A 105 5.03 2.22 -9.97
C LYS A 105 5.67 2.70 -11.28
N SER A 106 5.18 3.81 -11.86
CA SER A 106 5.75 4.29 -13.12
CA SER A 106 5.76 4.32 -13.11
C SER A 106 7.22 4.70 -12.95
N GLU A 107 7.55 5.35 -11.83
CA GLU A 107 8.92 5.73 -11.53
C GLU A 107 9.76 4.56 -11.04
N ASN A 108 9.15 3.43 -10.70
CA ASN A 108 9.88 2.31 -10.12
C ASN A 108 9.18 1.04 -10.55
N PRO A 109 9.41 0.60 -11.79
CA PRO A 109 8.63 -0.52 -12.35
C PRO A 109 9.02 -1.87 -11.80
N ASN A 110 9.96 -1.94 -10.85
CA ASN A 110 10.10 -3.13 -10.03
C ASN A 110 8.89 -3.36 -9.14
N LEU A 111 8.05 -2.34 -8.93
CA LEU A 111 7.04 -2.35 -7.88
C LEU A 111 5.71 -2.84 -8.37
N LYS A 112 5.04 -3.67 -7.56
CA LYS A 112 3.61 -3.93 -7.71
C LYS A 112 2.85 -3.21 -6.61
N ILE A 113 1.69 -2.63 -6.94
CA ILE A 113 0.88 -1.89 -5.98
C ILE A 113 -0.44 -2.63 -5.76
N GLY A 114 -0.95 -2.54 -4.52
CA GLY A 114 -2.05 -3.42 -4.14
C GLY A 114 -2.85 -2.83 -3.00
N VAL A 115 -4.00 -3.43 -2.76
CA VAL A 115 -4.94 -2.90 -1.78
C VAL A 115 -5.17 -3.96 -0.70
N SER A 116 -5.03 -3.55 0.56
CA SER A 116 -5.33 -4.39 1.71
C SER A 116 -6.73 -4.05 2.21
N LEU A 117 -7.57 -5.07 2.33
CA LEU A 117 -8.93 -4.88 2.84
C LEU A 117 -9.00 -5.37 4.28
N GLY A 118 -9.62 -4.57 5.16
CA GLY A 118 -9.83 -5.11 6.47
C GLY A 118 -8.83 -4.57 7.48
N GLY A 119 -7.92 -5.40 8.01
CA GLY A 119 -7.03 -4.97 9.09
C GLY A 119 -7.69 -5.19 10.45
N TRP A 120 -7.00 -4.75 11.52
CA TRP A 120 -7.56 -4.97 12.87
C TRP A 120 -8.89 -4.26 13.07
N SER A 121 -9.04 -3.06 12.53
CA SER A 121 -10.20 -2.28 12.87
C SER A 121 -11.35 -2.41 11.88
N LYS A 122 -11.12 -3.02 10.70
CA LYS A 122 -12.15 -3.02 9.66
C LYS A 122 -12.45 -4.44 9.18
N SER A 123 -12.23 -5.43 10.03
CA SER A 123 -12.55 -6.82 9.73
C SER A 123 -13.95 -7.21 10.18
N GLY A 124 -14.73 -6.27 10.71
CA GLY A 124 -16.01 -6.60 11.30
C GLY A 124 -17.03 -7.16 10.33
N ASP A 125 -16.91 -6.86 9.05
CA ASP A 125 -17.93 -7.31 8.12
C ASP A 125 -17.52 -8.52 7.27
N PHE A 126 -16.30 -9.06 7.42
CA PHE A 126 -15.93 -10.27 6.66
C PHE A 126 -16.87 -11.44 6.94
N SER A 127 -17.25 -11.64 8.20
CA SER A 127 -18.05 -12.83 8.54
C SER A 127 -19.33 -12.87 7.73
N THR A 128 -20.04 -11.75 7.68
CA THR A 128 -21.35 -11.71 7.06
C THR A 128 -21.23 -11.81 5.54
N ILE A 129 -20.26 -11.10 4.98
CA ILE A 129 -19.96 -11.13 3.56
C ILE A 129 -19.57 -12.54 3.10
N ALA A 130 -18.71 -13.22 3.86
CA ALA A 130 -18.29 -14.53 3.40
C ALA A 130 -19.38 -15.59 3.55
N ALA A 131 -20.33 -15.41 4.46
CA ALA A 131 -21.32 -16.45 4.70
C ALA A 131 -22.30 -16.58 3.54
N THR A 132 -22.51 -15.51 2.78
CA THR A 132 -23.58 -15.52 1.79
C THR A 132 -23.05 -15.37 0.37
N PRO A 133 -23.28 -16.37 -0.48
CA PRO A 133 -22.69 -16.33 -1.84
C PRO A 133 -23.03 -15.08 -2.64
N SER A 134 -24.27 -14.60 -2.60
CA SER A 134 -24.58 -13.39 -3.36
C SER A 134 -23.81 -12.17 -2.83
N ILE A 135 -23.51 -12.13 -1.54
CA ILE A 135 -22.79 -10.96 -1.02
C ILE A 135 -21.30 -11.09 -1.31
N ARG A 136 -20.76 -12.29 -1.10
CA ARG A 136 -19.42 -12.61 -1.56
C ARG A 136 -19.22 -12.19 -3.01
N ALA A 137 -20.18 -12.51 -3.86
CA ALA A 137 -20.06 -12.18 -5.28
C ALA A 137 -20.10 -10.68 -5.51
N LYS A 138 -20.93 -9.93 -4.78
CA LYS A 138 -20.91 -8.48 -4.97
C LYS A 138 -19.61 -7.86 -4.49
N PHE A 139 -19.12 -8.30 -3.32
CA PHE A 139 -17.84 -7.82 -2.80
C PHE A 139 -16.72 -8.04 -3.81
N VAL A 140 -16.65 -9.25 -4.36
CA VAL A 140 -15.61 -9.57 -5.33
C VAL A 140 -15.72 -8.64 -6.54
N GLU A 141 -16.94 -8.47 -7.08
CA GLU A 141 -17.16 -7.58 -8.20
C GLU A 141 -16.68 -6.17 -7.87
N ASN A 142 -16.97 -5.68 -6.67
CA ASN A 142 -16.58 -4.31 -6.35
C ASN A 142 -15.06 -4.20 -6.26
N VAL A 143 -14.40 -5.23 -5.71
CA VAL A 143 -12.95 -5.21 -5.62
C VAL A 143 -12.32 -5.26 -7.02
N MET A 144 -12.85 -6.09 -7.91
CA MET A 144 -12.32 -6.13 -9.28
C MET A 144 -12.42 -4.77 -9.95
N LYS A 145 -13.55 -4.08 -9.79
CA LYS A 145 -13.68 -2.76 -10.40
C LYS A 145 -12.65 -1.79 -9.79
N PHE A 146 -12.53 -1.82 -8.46
CA PHE A 146 -11.58 -0.98 -7.76
C PHE A 146 -10.16 -1.12 -8.33
N ILE A 147 -9.63 -2.35 -8.38
CA ILE A 147 -8.23 -2.49 -8.85
C ILE A 147 -8.11 -2.23 -10.36
N LYS A 148 -9.19 -2.39 -11.12
CA LYS A 148 -9.19 -1.95 -12.52
C LYS A 148 -8.93 -0.45 -12.61
N TYR A 149 -9.75 0.36 -11.91
CA TYR A 149 -9.64 1.83 -12.02
C TYR A 149 -8.37 2.37 -11.38
N THR A 150 -7.82 1.67 -10.37
CA THR A 150 -6.59 2.15 -9.74
C THR A 150 -5.34 1.54 -10.35
N ASN A 151 -5.51 0.70 -11.38
CA ASN A 151 -4.42 -0.05 -12.02
C ASN A 151 -3.57 -0.81 -11.00
N MET A 152 -4.22 -1.30 -9.96
CA MET A 152 -3.48 -2.09 -8.99
C MET A 152 -3.27 -3.53 -9.44
N ASP A 153 -2.35 -4.21 -8.75
CA ASP A 153 -1.76 -5.45 -9.19
C ASP A 153 -2.11 -6.62 -8.30
N PHE A 154 -2.62 -6.36 -7.11
CA PHE A 154 -2.93 -7.46 -6.23
C PHE A 154 -3.94 -7.01 -5.18
N VAL A 155 -4.62 -8.00 -4.62
CA VAL A 155 -5.57 -7.85 -3.54
C VAL A 155 -4.98 -8.55 -2.34
N ASP A 156 -4.95 -7.87 -1.19
CA ASP A 156 -4.46 -8.45 0.06
C ASP A 156 -5.62 -8.50 1.05
N ILE A 157 -6.05 -9.69 1.47
CA ILE A 157 -7.18 -9.80 2.37
C ILE A 157 -6.62 -9.91 3.78
N ASP A 158 -6.92 -8.92 4.63
CA ASP A 158 -6.43 -8.94 6.00
C ASP A 158 -7.62 -9.16 6.94
N TRP A 159 -8.19 -10.35 6.87
CA TRP A 159 -9.29 -10.68 7.79
C TRP A 159 -8.65 -11.08 9.10
N GLU A 160 -8.71 -10.19 10.09
CA GLU A 160 -7.96 -10.43 11.34
C GLU A 160 -8.92 -10.45 12.54
N TYR A 161 -9.44 -11.62 12.91
CA TYR A 161 -9.20 -12.89 12.26
C TYR A 161 -10.48 -13.71 12.10
N PRO A 162 -10.53 -14.66 11.18
CA PRO A 162 -11.72 -15.51 11.10
C PRO A 162 -11.82 -16.40 12.32
N GLY A 163 -13.06 -16.66 12.72
CA GLY A 163 -13.29 -17.60 13.83
C GLY A 163 -12.99 -17.07 15.20
N ASP A 164 -12.56 -15.81 15.31
CA ASP A 164 -12.02 -15.22 16.54
C ASP A 164 -13.00 -14.15 17.03
N TYR A 165 -13.80 -14.49 18.04
CA TYR A 165 -14.71 -13.51 18.63
C TYR A 165 -13.91 -12.36 19.23
N ARG A 166 -14.17 -11.14 18.76
CA ARG A 166 -13.47 -9.99 19.32
C ARG A 166 -14.42 -8.81 19.32
N GLU A 167 -14.57 -8.15 20.53
CA GLU A 167 -15.34 -6.93 20.69
C GLU A 167 -14.50 -5.69 20.34
N PRO A 168 -15.11 -4.66 19.78
CA PRO A 168 -14.37 -3.41 19.55
C PRO A 168 -13.67 -2.96 20.81
N ASP A 169 -12.46 -2.43 20.65
CA ASP A 169 -11.77 -1.78 21.74
C ASP A 169 -11.75 -0.29 21.41
N LYS A 170 -12.79 0.41 21.90
CA LYS A 170 -13.01 1.82 21.58
C LYS A 170 -12.05 2.74 22.32
N THR A 171 -11.40 2.23 23.36
CA THR A 171 -10.33 2.97 24.02
C THR A 171 -9.09 3.02 23.12
N ASP A 172 -8.70 1.87 22.56
CA ASP A 172 -7.61 1.86 21.60
C ASP A 172 -7.96 2.66 20.34
N ASN A 173 -9.16 2.47 19.79
CA ASN A 173 -9.48 2.99 18.46
C ASN A 173 -10.99 3.17 18.38
N ILE A 174 -11.46 4.43 18.41
CA ILE A 174 -12.90 4.65 18.33
C ILE A 174 -13.49 3.98 17.09
N ASN A 175 -12.68 3.79 16.05
CA ASN A 175 -13.11 3.28 14.77
C ASN A 175 -12.99 1.76 14.64
N ASP A 176 -12.62 1.07 15.72
CA ASP A 176 -12.46 -0.39 15.70
C ASP A 176 -13.83 -1.09 15.53
N GLU A 177 -13.97 -1.90 14.49
CA GLU A 177 -15.19 -2.68 14.31
C GLU A 177 -15.21 -3.95 15.17
N GLY A 178 -14.04 -4.44 15.61
CA GLY A 178 -13.84 -5.79 16.16
C GLY A 178 -14.22 -6.85 15.10
N THR A 179 -14.48 -8.07 15.59
CA THR A 179 -15.08 -9.14 14.80
C THR A 179 -16.17 -9.79 15.64
N PRO A 180 -17.21 -9.03 15.98
CA PRO A 180 -18.23 -9.54 16.90
C PRO A 180 -19.14 -10.59 16.29
N ASN A 181 -19.27 -10.64 14.96
CA ASN A 181 -20.08 -11.66 14.32
C ASN A 181 -19.27 -12.88 13.90
N ALA A 182 -18.11 -13.09 14.51
CA ALA A 182 -17.30 -14.26 14.20
C ALA A 182 -18.04 -15.55 14.57
N SER A 183 -17.88 -16.57 13.71
CA SER A 183 -18.41 -17.91 14.00
C SER A 183 -17.48 -18.97 13.46
N ALA A 184 -17.81 -20.23 13.73
CA ALA A 184 -17.01 -21.36 13.23
C ALA A 184 -17.21 -21.59 11.74
N GLY A 185 -18.21 -20.99 11.12
CA GLY A 185 -18.29 -21.07 9.67
C GLY A 185 -17.27 -20.20 8.94
N ASP A 186 -16.61 -19.28 9.63
CA ASP A 186 -15.63 -18.40 8.99
C ASP A 186 -14.55 -19.21 8.31
N LYS A 187 -14.08 -20.28 8.95
CA LYS A 187 -12.92 -21.00 8.43
C LYS A 187 -13.16 -21.48 7.02
N GLU A 188 -14.30 -22.15 6.84
CA GLU A 188 -14.72 -22.65 5.54
C GLU A 188 -15.11 -21.50 4.60
N ASN A 189 -15.85 -20.51 5.09
CA ASN A 189 -16.30 -19.43 4.22
C ASN A 189 -15.14 -18.61 3.69
N TYR A 190 -14.07 -18.49 4.48
CA TYR A 190 -12.88 -17.74 4.06
C TYR A 190 -12.31 -18.35 2.78
N ILE A 191 -12.31 -19.68 2.70
CA ILE A 191 -11.77 -20.39 1.54
C ILE A 191 -12.62 -20.10 0.33
N LEU A 192 -13.94 -20.15 0.49
CA LEU A 192 -14.84 -19.78 -0.60
C LEU A 192 -14.56 -18.37 -1.09
N LEU A 193 -14.35 -17.43 -0.17
CA LEU A 193 -14.10 -16.04 -0.57
C LEU A 193 -12.78 -15.93 -1.32
N LEU A 194 -11.76 -16.61 -0.82
CA LEU A 194 -10.48 -16.61 -1.53
C LEU A 194 -10.60 -17.27 -2.89
N GLN A 195 -11.39 -18.35 -2.98
CA GLN A 195 -11.61 -18.98 -4.29
C GLN A 195 -12.31 -18.03 -5.24
N ASP A 196 -13.37 -17.35 -4.76
CA ASP A 196 -14.08 -16.40 -5.62
C ASP A 196 -13.17 -15.26 -6.03
N LEU A 197 -12.34 -14.75 -5.11
CA LEU A 197 -11.41 -13.68 -5.46
C LEU A 197 -10.42 -14.13 -6.52
N LYS A 198 -9.77 -15.27 -6.30
CA LYS A 198 -8.74 -15.75 -7.22
C LYS A 198 -9.33 -16.06 -8.62
N GLU A 199 -10.57 -16.57 -8.68
CA GLU A 199 -11.21 -16.82 -9.97
C GLU A 199 -11.46 -15.51 -10.72
N ALA A 200 -11.97 -14.51 -10.00
CA ALA A 200 -12.22 -13.21 -10.62
C ALA A 200 -10.93 -12.53 -11.05
N LEU A 201 -9.92 -12.60 -10.19
CA LEU A 201 -8.59 -12.12 -10.54
C LEU A 201 -8.07 -12.83 -11.77
N ASN A 202 -8.23 -14.16 -11.82
CA ASN A 202 -7.80 -14.90 -13.01
C ASN A 202 -8.49 -14.36 -14.27
N LYS A 203 -9.80 -14.14 -14.17
CA LYS A 203 -10.58 -13.75 -15.32
C LYS A 203 -10.24 -12.33 -15.77
N GLN A 204 -10.11 -11.41 -14.83
CA GLN A 204 -9.84 -10.03 -15.20
C GLN A 204 -8.39 -9.86 -15.67
N GLY A 205 -7.46 -10.65 -15.12
CA GLY A 205 -6.11 -10.63 -15.64
C GLY A 205 -6.04 -10.97 -17.12
N LYS A 206 -6.84 -11.96 -17.55
CA LYS A 206 -6.82 -12.35 -18.95
C LYS A 206 -7.49 -11.30 -19.82
N GLU A 207 -8.52 -10.61 -19.30
CA GLU A 207 -9.19 -9.54 -20.06
C GLU A 207 -8.29 -8.33 -20.25
N LEU A 208 -7.46 -8.00 -19.26
CA LEU A 208 -6.62 -6.82 -19.32
C LEU A 208 -5.20 -7.10 -19.75
N GLY A 209 -4.85 -8.36 -19.97
CA GLY A 209 -3.47 -8.74 -20.26
C GLY A 209 -2.51 -8.42 -19.15
N LYS A 210 -2.85 -8.73 -17.90
CA LYS A 210 -1.93 -8.50 -16.80
C LYS A 210 -2.00 -9.66 -15.82
N VAL A 211 -1.00 -9.72 -14.96
CA VAL A 211 -0.89 -10.76 -13.95
C VAL A 211 -1.31 -10.15 -12.63
N TYR A 212 -2.34 -10.71 -12.04
CA TYR A 212 -2.77 -10.33 -10.69
C TYR A 212 -2.27 -11.34 -9.69
N GLU A 213 -2.12 -10.88 -8.44
CA GLU A 213 -1.80 -11.75 -7.32
C GLU A 213 -2.84 -11.60 -6.21
N LEU A 214 -2.97 -12.65 -5.41
CA LEU A 214 -3.83 -12.61 -4.25
C LEU A 214 -2.99 -12.99 -3.05
N SER A 215 -3.02 -12.17 -2.01
CA SER A 215 -2.30 -12.47 -0.78
C SER A 215 -3.23 -12.32 0.39
N VAL A 216 -2.80 -12.75 1.59
CA VAL A 216 -3.61 -12.60 2.79
C VAL A 216 -2.64 -12.36 3.93
N ALA A 217 -3.17 -11.80 5.02
CA ALA A 217 -2.44 -11.66 6.27
C ALA A 217 -2.85 -12.80 7.20
N LEU A 218 -1.88 -13.52 7.77
CA LEU A 218 -2.24 -14.66 8.62
C LEU A 218 -1.70 -14.50 10.04
N PRO A 219 -2.36 -15.11 11.04
CA PRO A 219 -1.90 -14.96 12.43
C PRO A 219 -0.71 -15.86 12.73
N ALA A 220 0.05 -15.48 13.77
CA ALA A 220 1.23 -16.27 14.10
C ALA A 220 0.94 -17.46 15.00
N GLY A 221 -0.10 -17.38 15.82
CA GLY A 221 -0.31 -18.38 16.87
C GLY A 221 -1.21 -19.54 16.47
N VAL A 222 -0.87 -20.73 16.99
CA VAL A 222 -1.62 -21.96 16.71
C VAL A 222 -3.10 -21.77 17.00
N SER A 223 -3.43 -21.14 18.12
CA SER A 223 -4.81 -21.10 18.54
C SER A 223 -5.69 -20.37 17.55
N LYS A 224 -5.22 -19.27 16.98
CA LYS A 224 -6.05 -18.58 16.01
C LYS A 224 -6.10 -19.32 14.68
N ILE A 225 -4.98 -19.96 14.29
CA ILE A 225 -4.96 -20.74 13.07
C ILE A 225 -6.01 -21.86 13.13
N GLU A 226 -5.99 -22.63 14.22
CA GLU A 226 -6.97 -23.71 14.36
C GLU A 226 -8.40 -23.22 14.21
N LYS A 227 -8.70 -22.02 14.68
CA LYS A 227 -10.08 -21.57 14.64
C LYS A 227 -10.47 -21.04 13.28
N GLY A 228 -9.56 -20.40 12.57
CA GLY A 228 -9.99 -19.69 11.37
C GLY A 228 -9.30 -19.98 10.06
N ILE A 229 -8.17 -20.70 10.06
CA ILE A 229 -7.32 -20.79 8.87
C ILE A 229 -7.17 -22.25 8.51
N ASP A 230 -7.86 -22.71 7.45
CA ASP A 230 -7.63 -24.01 6.81
C ASP A 230 -6.38 -23.87 5.95
N VAL A 231 -5.23 -24.22 6.54
CA VAL A 231 -3.92 -23.86 5.99
C VAL A 231 -3.75 -24.41 4.58
N ASP A 232 -3.98 -25.71 4.39
CA ASP A 232 -3.55 -26.29 3.11
C ASP A 232 -4.46 -25.84 1.97
N LYS A 233 -5.76 -25.66 2.26
CA LYS A 233 -6.65 -25.10 1.23
C LYS A 233 -6.28 -23.67 0.91
N LEU A 234 -5.97 -22.89 1.93
CA LEU A 234 -5.65 -21.48 1.72
C LEU A 234 -4.40 -21.30 0.86
N PHE A 235 -3.31 -21.99 1.22
CA PHE A 235 -2.07 -21.89 0.47
C PHE A 235 -2.17 -22.50 -0.94
N ASN A 236 -3.15 -23.36 -1.18
CA ASN A 236 -3.43 -23.81 -2.53
C ASN A 236 -4.00 -22.69 -3.37
N ILE A 237 -4.70 -21.74 -2.76
CA ILE A 237 -5.39 -20.72 -3.54
C ILE A 237 -4.53 -19.49 -3.72
N VAL A 238 -3.87 -19.01 -2.64
CA VAL A 238 -3.26 -17.70 -2.69
C VAL A 238 -1.93 -17.75 -3.43
N ASP A 239 -1.48 -16.60 -3.91
CA ASP A 239 -0.15 -16.51 -4.50
C ASP A 239 0.92 -16.47 -3.42
N PHE A 240 0.65 -15.75 -2.33
CA PHE A 240 1.52 -15.82 -1.16
C PHE A 240 0.72 -15.37 0.06
N ALA A 241 1.28 -15.65 1.23
CA ALA A 241 0.61 -15.31 2.48
C ALA A 241 1.61 -14.65 3.43
N ASN A 242 1.19 -13.52 4.03
CA ASN A 242 2.03 -12.73 4.92
C ASN A 242 1.73 -13.14 6.36
N ILE A 243 2.70 -13.75 7.04
CA ILE A 243 2.48 -14.14 8.43
C ILE A 243 2.76 -12.96 9.34
N MET A 244 1.80 -12.60 10.18
CA MET A 244 1.94 -11.41 11.04
C MET A 244 2.76 -11.78 12.29
N THR A 245 4.04 -12.12 12.05
CA THR A 245 4.99 -12.46 13.11
C THR A 245 5.53 -11.21 13.83
N TYR A 246 4.60 -10.41 14.34
CA TYR A 246 4.89 -9.32 15.24
C TYR A 246 3.70 -9.16 16.18
N ASP A 247 3.81 -8.25 17.15
CA ASP A 247 2.81 -8.14 18.22
C ASP A 247 2.64 -9.45 18.97
N MET A 248 3.69 -10.26 19.06
CA MET A 248 3.62 -11.57 19.71
C MET A 248 3.91 -11.51 21.22
N ALA A 249 4.24 -10.34 21.76
CA ALA A 249 4.41 -10.04 23.17
C ALA A 249 4.02 -8.59 23.33
N GLY A 250 3.44 -8.22 24.46
CA GLY A 250 2.99 -6.84 24.60
C GLY A 250 2.34 -6.64 25.96
N ALA A 251 1.83 -5.42 26.14
CA ALA A 251 1.29 -4.93 27.40
C ALA A 251 0.06 -5.69 27.88
N TRP A 252 -0.57 -6.51 27.02
CA TRP A 252 -1.62 -7.43 27.46
C TRP A 252 -1.09 -8.53 28.37
N SER A 253 0.22 -8.72 28.43
CA SER A 253 0.78 -9.73 29.33
C SER A 253 1.61 -9.05 30.41
N THR A 254 1.69 -9.71 31.58
CA THR A 254 2.55 -9.25 32.66
C THR A 254 3.92 -9.95 32.66
N THR A 255 4.35 -10.48 31.52
CA THR A 255 5.67 -11.07 31.39
C THR A 255 6.36 -10.42 30.20
N SER A 256 7.56 -9.91 30.40
CA SER A 256 8.28 -9.33 29.28
C SER A 256 8.69 -10.40 28.27
N GLY A 257 8.76 -10.00 27.02
CA GLY A 257 9.12 -10.97 26.00
C GLY A 257 9.46 -10.25 24.72
N HIS A 258 9.85 -11.04 23.71
CA HIS A 258 10.11 -10.55 22.36
C HIS A 258 8.79 -10.47 21.59
N GLN A 259 8.52 -9.34 20.94
CA GLN A 259 7.30 -9.28 20.13
C GLN A 259 7.46 -9.82 18.70
N THR A 260 8.69 -9.96 18.18
CA THR A 260 8.86 -10.23 16.75
C THR A 260 10.10 -11.08 16.52
N ALA A 261 10.41 -11.96 17.48
CA ALA A 261 11.66 -12.69 17.47
C ALA A 261 11.73 -13.72 16.35
N LEU A 262 12.93 -13.82 15.75
CA LEU A 262 13.19 -14.85 14.74
C LEU A 262 13.09 -16.26 15.32
N TYR A 263 13.73 -16.50 16.48
CA TYR A 263 13.74 -17.81 17.13
C TYR A 263 13.20 -17.72 18.54
N THR A 264 12.56 -18.81 18.97
CA THR A 264 12.12 -18.97 20.35
C THR A 264 13.32 -19.21 21.27
N ASN A 265 13.56 -18.28 22.17
CA ASN A 265 14.58 -18.45 23.19
C ASN A 265 14.22 -19.67 24.04
N PRO A 266 15.16 -20.58 24.32
CA PRO A 266 14.81 -21.83 25.01
C PRO A 266 14.19 -21.63 26.37
N ASN A 267 14.50 -20.51 27.03
CA ASN A 267 14.03 -20.19 28.37
C ASN A 267 12.62 -19.58 28.37
N ALA A 268 11.98 -19.46 27.21
CA ALA A 268 10.67 -18.82 27.12
C ALA A 268 9.64 -19.60 27.91
N PRO A 269 8.77 -18.91 28.67
CA PRO A 269 7.69 -19.58 29.40
C PRO A 269 6.56 -20.00 28.48
N GLU A 270 5.55 -20.67 29.03
CA GLU A 270 4.53 -21.29 28.20
C GLU A 270 3.81 -20.29 27.31
N GLU A 271 3.52 -19.08 27.81
CA GLU A 271 2.73 -18.18 26.97
C GLU A 271 3.47 -17.79 25.69
N TYR A 272 4.79 -17.71 25.72
CA TYR A 272 5.50 -17.30 24.52
C TYR A 272 6.02 -18.47 23.69
N LYS A 273 5.64 -19.70 24.03
CA LYS A 273 6.10 -20.82 23.22
C LYS A 273 5.31 -20.87 21.93
N GLY A 274 6.01 -21.14 20.83
CA GLY A 274 5.39 -21.05 19.54
C GLY A 274 5.34 -19.65 18.96
N LEU A 275 5.62 -18.63 19.75
CA LEU A 275 5.39 -17.25 19.31
C LEU A 275 6.69 -16.59 18.86
N SER A 276 7.24 -17.16 17.78
CA SER A 276 8.43 -16.70 17.08
C SER A 276 8.24 -17.01 15.59
N VAL A 277 9.07 -16.38 14.75
CA VAL A 277 8.97 -16.61 13.31
C VAL A 277 9.22 -18.08 13.00
N ASP A 278 10.32 -18.60 13.51
CA ASP A 278 10.73 -19.96 13.20
C ASP A 278 9.65 -20.96 13.58
N GLU A 279 9.11 -20.83 14.79
CA GLU A 279 8.10 -21.78 15.23
C GLU A 279 6.79 -21.64 14.47
N SER A 280 6.42 -20.40 14.13
CA SER A 280 5.16 -20.21 13.41
C SER A 280 5.28 -20.75 11.99
N VAL A 281 6.42 -20.49 11.35
CA VAL A 281 6.66 -21.03 10.01
C VAL A 281 6.65 -22.55 10.04
N LYS A 282 7.29 -23.15 11.05
CA LYS A 282 7.32 -24.59 11.11
C LYS A 282 5.92 -25.15 11.28
N TYR A 283 5.06 -24.44 12.02
CA TYR A 283 3.69 -24.92 12.19
C TYR A 283 2.93 -24.86 10.88
N TYR A 284 3.03 -23.73 10.18
CA TYR A 284 2.33 -23.61 8.90
C TYR A 284 2.77 -24.69 7.92
N ILE A 285 4.08 -24.95 7.85
CA ILE A 285 4.61 -25.98 6.94
C ILE A 285 4.04 -27.33 7.30
N SER A 286 4.05 -27.65 8.59
CA SER A 286 3.49 -28.91 9.07
C SER A 286 2.03 -29.07 8.71
N GLN A 287 1.28 -27.98 8.52
CA GLN A 287 -0.10 -28.07 8.09
C GLN A 287 -0.26 -27.99 6.57
N GLY A 288 0.81 -28.07 5.79
CA GLY A 288 0.71 -28.10 4.35
C GLY A 288 1.05 -26.83 3.60
N ALA A 289 1.51 -25.79 4.28
CA ALA A 289 1.87 -24.55 3.62
C ALA A 289 3.14 -24.72 2.80
N GLU A 290 3.09 -24.31 1.52
CA GLU A 290 4.27 -24.40 0.68
C GLU A 290 5.28 -23.28 0.99
N ARG A 291 6.54 -23.66 1.19
CA ARG A 291 7.57 -22.74 1.69
C ARG A 291 7.67 -21.46 0.85
N GLU A 292 7.68 -21.57 -0.47
CA GLU A 292 7.87 -20.40 -1.30
C GLU A 292 6.75 -19.38 -1.14
N LYS A 293 5.63 -19.76 -0.53
CA LYS A 293 4.52 -18.84 -0.41
C LYS A 293 4.52 -18.12 0.92
N ILE A 294 5.43 -18.47 1.83
CA ILE A 294 5.41 -17.93 3.20
C ILE A 294 6.27 -16.68 3.28
N VAL A 295 5.65 -15.57 3.64
CA VAL A 295 6.33 -14.30 3.86
C VAL A 295 6.28 -14.01 5.34
N VAL A 296 7.45 -13.70 5.93
CA VAL A 296 7.54 -13.47 7.35
C VAL A 296 7.57 -11.96 7.63
N GLY A 297 7.19 -11.61 8.85
CA GLY A 297 6.95 -10.23 9.26
C GLY A 297 8.05 -9.61 10.10
N ALA A 298 8.29 -8.31 9.87
CA ALA A 298 9.18 -7.48 10.65
C ALA A 298 8.43 -6.25 11.12
N ALA A 299 8.65 -5.88 12.40
CA ALA A 299 8.00 -4.76 13.05
C ALA A 299 8.91 -3.55 13.02
N TYR A 300 8.38 -2.42 12.58
CA TYR A 300 9.15 -1.17 12.61
C TYR A 300 8.74 -0.33 13.77
N TYR A 301 8.50 -0.97 14.93
CA TYR A 301 8.04 -0.25 16.09
C TYR A 301 8.36 -1.12 17.30
N THR A 302 8.36 -0.48 18.46
CA THR A 302 8.54 -1.16 19.73
C THR A 302 7.19 -1.55 20.33
N ARG A 303 7.24 -2.50 21.27
CA ARG A 303 6.25 -2.66 22.32
C ARG A 303 7.00 -2.72 23.64
N GLY A 304 6.34 -2.37 24.74
CA GLY A 304 7.11 -2.40 25.96
C GLY A 304 6.34 -2.20 27.25
N TRP A 305 7.06 -2.46 28.33
CA TRP A 305 6.50 -2.48 29.68
C TRP A 305 7.21 -1.45 30.55
N GLU A 306 6.47 -0.87 31.51
CA GLU A 306 6.98 0.22 32.34
C GLU A 306 7.99 -0.27 33.38
N GLN A 307 7.73 -1.41 34.00
CA GLN A 307 8.56 -1.79 35.15
C GLN A 307 8.64 -3.31 35.22
N VAL A 308 9.70 -3.87 34.61
CA VAL A 308 9.98 -5.30 34.60
C VAL A 308 11.11 -5.61 35.59
N SER A 309 10.82 -6.50 36.54
CA SER A 309 11.84 -7.02 37.45
C SER A 309 12.50 -8.23 36.83
N ASP A 310 13.82 -8.31 36.96
CA ASP A 310 14.56 -9.47 36.50
C ASP A 310 14.32 -10.67 37.43
N LYS A 311 13.53 -11.63 36.97
CA LYS A 311 13.37 -12.90 37.67
C LYS A 311 14.49 -13.89 37.33
N GLY A 312 15.54 -13.44 36.65
CA GLY A 312 16.67 -14.30 36.34
C GLY A 312 16.34 -15.45 35.42
N THR A 313 15.25 -15.33 34.64
CA THR A 313 14.83 -16.40 33.74
C THR A 313 15.95 -16.82 32.80
N ASP A 314 16.72 -15.85 32.31
CA ASP A 314 17.86 -16.09 31.43
C ASP A 314 18.94 -15.10 31.84
N PRO A 315 19.88 -15.50 32.71
CA PRO A 315 20.90 -14.55 33.16
C PRO A 315 21.67 -13.91 32.02
N ASN A 316 21.73 -14.56 30.86
CA ASN A 316 22.38 -13.97 29.70
C ASN A 316 21.53 -12.89 29.05
N ASN A 317 20.25 -12.82 29.41
CA ASN A 317 19.34 -11.81 28.87
C ASN A 317 18.57 -11.25 30.05
N PRO A 318 19.15 -10.27 30.75
CA PRO A 318 18.51 -9.76 31.97
C PRO A 318 17.19 -9.06 31.64
N GLY A 319 16.18 -9.29 32.48
CA GLY A 319 14.87 -8.69 32.31
C GLY A 319 13.98 -9.37 31.29
N LEU A 320 14.52 -10.18 30.38
CA LEU A 320 13.70 -10.94 29.46
C LEU A 320 12.93 -12.02 30.22
N PHE A 321 11.64 -12.13 29.93
CA PHE A 321 10.72 -13.07 30.59
C PHE A 321 10.59 -12.79 32.08
N GLY A 322 10.90 -11.54 32.49
CA GLY A 322 10.67 -11.11 33.85
C GLY A 322 9.24 -10.61 34.08
N GLU A 323 8.95 -10.27 35.33
CA GLU A 323 7.60 -9.89 35.73
C GLU A 323 7.43 -8.37 35.65
N ALA A 324 6.41 -7.94 34.92
CA ALA A 324 6.13 -6.52 34.74
C ALA A 324 5.04 -6.11 35.72
N ALA A 325 5.27 -5.03 36.45
CA ALA A 325 4.29 -4.60 37.44
C ALA A 325 3.18 -3.77 36.80
N VAL A 326 1.96 -3.89 37.34
CA VAL A 326 0.77 -3.26 36.72
C VAL A 326 0.64 -1.86 37.33
N VAL A 327 1.47 -0.93 36.85
CA VAL A 327 1.65 0.35 37.51
C VAL A 327 1.17 1.55 36.71
N ASN A 328 0.86 1.41 35.41
CA ASN A 328 0.35 2.52 34.62
C ASN A 328 -1.15 2.36 34.42
N LYS A 329 -1.76 3.30 33.70
CA LYS A 329 -3.19 3.22 33.38
C LYS A 329 -3.43 3.53 31.91
N ASP A 330 -4.43 2.86 31.33
CA ASP A 330 -4.88 3.23 29.99
C ASP A 330 -5.69 4.52 30.06
N ALA A 331 -6.01 5.09 28.89
CA ALA A 331 -6.71 6.36 28.92
C ALA A 331 -8.13 6.26 29.47
N ASP A 332 -8.69 5.04 29.58
CA ASP A 332 -9.94 4.82 30.30
C ASP A 332 -9.69 4.43 31.77
N LEU A 333 -8.48 4.65 32.29
CA LEU A 333 -8.04 4.32 33.64
C LEU A 333 -7.88 2.83 33.92
N SER A 334 -7.92 1.97 32.91
CA SER A 334 -7.66 0.56 33.15
C SER A 334 -6.22 0.36 33.58
N PRO A 335 -5.97 -0.34 34.68
CA PRO A 335 -4.58 -0.62 35.07
C PRO A 335 -3.89 -1.49 34.04
N THR A 336 -2.61 -1.18 33.80
CA THR A 336 -1.85 -1.86 32.76
C THR A 336 -0.37 -1.82 33.11
N PRO A 337 0.38 -2.85 32.73
CA PRO A 337 1.85 -2.81 32.84
C PRO A 337 2.52 -2.17 31.63
N GLY A 338 1.75 -1.70 30.66
CA GLY A 338 2.35 -1.16 29.45
C GLY A 338 3.07 0.16 29.70
N ALA A 339 4.18 0.35 28.98
CA ALA A 339 4.83 1.64 29.07
C ALA A 339 4.08 2.68 28.24
N LEU A 340 4.49 3.93 28.42
CA LEU A 340 3.90 5.00 27.63
C LEU A 340 4.24 4.82 26.16
N ASN A 341 3.44 5.42 25.28
CA ASN A 341 3.67 5.32 23.85
C ASN A 341 4.35 6.58 23.32
N GLU A 342 4.83 6.49 22.07
CA GLU A 342 5.36 7.69 21.45
C GLU A 342 4.29 8.77 21.40
N ALA A 343 3.10 8.38 20.99
CA ALA A 343 2.02 9.30 20.77
C ALA A 343 1.27 9.46 22.08
N PRO A 344 0.66 10.62 22.30
CA PRO A 344 -0.13 10.80 23.52
C PRO A 344 -1.22 9.76 23.60
N MET A 345 -1.55 9.36 24.82
CA MET A 345 -2.58 8.36 25.03
CA MET A 345 -2.59 8.36 25.04
C MET A 345 -3.92 9.07 25.06
N LYS A 346 -4.71 8.92 24.00
CA LYS A 346 -6.00 9.55 23.90
C LYS A 346 -7.06 8.47 23.80
N ASN A 347 -8.12 8.60 24.59
CA ASN A 347 -9.24 7.67 24.50
C ASN A 347 -9.78 7.66 23.07
N GLY A 348 -9.88 6.48 22.47
CA GLY A 348 -10.33 6.34 21.11
C GLY A 348 -9.28 6.61 20.03
N GLU A 349 -8.07 7.06 20.39
CA GLU A 349 -7.04 7.43 19.44
C GLU A 349 -5.71 7.01 20.05
N GLY A 350 -5.48 5.70 20.10
CA GLY A 350 -4.28 5.20 20.74
C GLY A 350 -4.41 5.25 22.24
N GLY A 351 -5.52 4.77 22.76
CA GLY A 351 -5.78 4.90 24.20
C GLY A 351 -5.11 3.89 25.11
N ARG A 352 -4.43 2.88 24.57
CA ARG A 352 -3.81 1.84 25.40
C ARG A 352 -2.31 2.07 25.51
N ALA A 353 -1.80 2.02 26.75
CA ALA A 353 -0.37 2.06 27.02
C ALA A 353 0.27 0.75 26.56
N GLY A 354 1.04 0.79 25.48
CA GLY A 354 1.59 -0.44 24.96
C GLY A 354 3.08 -0.41 24.75
N GLY A 355 3.73 0.64 25.20
CA GLY A 355 5.14 0.87 24.90
C GLY A 355 5.42 0.97 23.41
N VAL A 356 4.55 1.63 22.66
CA VAL A 356 4.66 1.62 21.20
C VAL A 356 5.33 2.91 20.73
N TRP A 357 6.54 2.78 20.20
CA TRP A 357 7.28 3.88 19.58
C TRP A 357 7.71 3.46 18.19
N GLY A 358 7.64 4.34 17.20
CA GLY A 358 8.17 3.98 15.88
C GLY A 358 9.68 3.79 15.91
N TYR A 359 10.18 2.93 15.02
CA TYR A 359 11.63 2.70 14.97
C TYR A 359 12.40 3.98 14.69
N ASN A 360 11.89 4.83 13.79
CA ASN A 360 12.44 6.16 13.60
C ASN A 360 12.35 7.03 14.84
N ALA A 361 11.68 6.57 15.90
CA ALA A 361 11.56 7.30 17.15
C ALA A 361 12.41 6.71 18.29
N LEU A 362 13.39 5.84 17.99
CA LEU A 362 14.14 5.20 19.08
C LEU A 362 14.92 6.23 19.90
N ASP A 363 15.40 7.31 19.29
CA ASP A 363 16.07 8.33 20.08
C ASP A 363 15.07 9.12 20.93
N LYS A 364 13.86 9.35 20.41
CA LYS A 364 12.86 9.97 21.27
C LYS A 364 12.57 9.08 22.47
N LEU A 365 12.44 7.78 22.21
CA LEU A 365 12.19 6.81 23.27
C LEU A 365 13.28 6.86 24.33
N LYS A 366 14.54 6.98 23.91
CA LYS A 366 15.62 6.95 24.91
C LYS A 366 15.65 8.23 25.73
N SER A 367 15.29 9.36 25.12
CA SER A 367 15.20 10.62 25.85
C SER A 367 14.05 10.63 26.87
N LYS A 368 12.97 9.88 26.61
CA LYS A 368 11.85 9.82 27.56
C LYS A 368 12.05 8.75 28.63
N TYR A 369 12.51 7.57 28.23
CA TYR A 369 12.93 6.49 29.11
C TYR A 369 14.47 6.47 29.14
N THR A 370 15.04 7.19 30.09
CA THR A 370 16.50 7.24 30.22
C THR A 370 17.04 5.95 30.85
N GLY A 371 18.34 5.71 30.64
CA GLY A 371 18.99 4.56 31.26
C GLY A 371 18.76 3.22 30.62
N LEU A 372 18.03 3.17 29.49
CA LEU A 372 17.89 1.94 28.71
C LEU A 372 19.25 1.47 28.21
N LYS A 373 19.54 0.18 28.36
CA LYS A 373 20.71 -0.43 27.75
C LYS A 373 20.27 -1.40 26.66
N GLU A 374 21.06 -1.44 25.59
CA GLU A 374 20.74 -2.26 24.43
C GLU A 374 21.34 -3.65 24.58
N TYR A 375 20.48 -4.67 24.51
CA TYR A 375 20.85 -6.06 24.61
C TYR A 375 20.52 -6.77 23.30
N TRP A 376 21.33 -7.77 22.96
CA TRP A 376 21.05 -8.65 21.84
C TRP A 376 20.87 -10.06 22.40
N ASP A 377 19.73 -10.65 22.11
CA ASP A 377 19.46 -12.03 22.50
C ASP A 377 19.93 -12.89 21.34
N ASP A 378 21.06 -13.57 21.53
CA ASP A 378 21.63 -14.31 20.42
C ASP A 378 20.89 -15.64 20.21
N SER A 379 20.14 -16.09 21.20
CA SER A 379 19.32 -17.27 20.97
C SER A 379 18.08 -16.91 20.15
N ALA A 380 17.50 -15.72 20.37
CA ALA A 380 16.32 -15.34 19.59
C ALA A 380 16.66 -14.57 18.32
N LYS A 381 17.92 -14.16 18.16
CA LYS A 381 18.36 -13.18 17.18
C LYS A 381 17.46 -11.94 17.21
N ALA A 382 17.28 -11.38 18.40
CA ALA A 382 16.40 -10.23 18.61
C ALA A 382 17.03 -9.23 19.56
N PRO A 383 16.88 -7.93 19.29
CA PRO A 383 17.33 -6.91 20.22
C PRO A 383 16.23 -6.53 21.23
N TYR A 384 16.67 -6.00 22.36
CA TYR A 384 15.70 -5.36 23.25
C TYR A 384 16.41 -4.26 24.04
N LEU A 385 15.62 -3.37 24.63
CA LEU A 385 16.15 -2.32 25.45
C LEU A 385 15.62 -2.48 26.86
N TYR A 386 16.51 -2.34 27.84
CA TYR A 386 16.10 -2.58 29.21
C TYR A 386 16.92 -1.74 30.17
N ASN A 387 16.22 -1.07 31.08
CA ASN A 387 16.81 -0.35 32.20
C ASN A 387 16.60 -1.21 33.43
N SER A 388 17.69 -1.76 33.97
CA SER A 388 17.59 -2.72 35.06
C SER A 388 17.26 -2.08 36.41
N GLU A 389 17.32 -0.75 36.52
CA GLU A 389 16.89 -0.12 37.76
C GLU A 389 15.40 0.22 37.71
N THR A 390 14.99 0.98 36.70
CA THR A 390 13.59 1.37 36.62
C THR A 390 12.70 0.21 36.17
N GLY A 391 13.25 -0.74 35.42
CA GLY A 391 12.48 -1.84 34.90
C GLY A 391 12.02 -1.69 33.47
N ALA A 392 12.10 -0.49 32.89
CA ALA A 392 11.56 -0.26 31.54
C ALA A 392 12.16 -1.22 30.51
N PHE A 393 11.32 -1.75 29.62
CA PHE A 393 11.65 -2.84 28.71
C PHE A 393 10.96 -2.60 27.36
N PHE A 394 11.70 -2.68 26.25
CA PHE A 394 11.12 -2.51 24.92
C PHE A 394 11.69 -3.52 23.96
N THR A 395 10.81 -4.08 23.14
CA THR A 395 11.15 -5.13 22.18
C THR A 395 10.85 -4.64 20.77
N TYR A 396 11.72 -4.99 19.82
CA TYR A 396 11.62 -4.41 18.48
C TYR A 396 12.54 -5.15 17.54
N ASP A 397 12.58 -4.68 16.26
CA ASP A 397 13.47 -5.19 15.21
C ASP A 397 14.50 -4.11 14.88
N ASN A 398 15.75 -4.51 14.65
CA ASN A 398 16.74 -3.56 14.17
C ASN A 398 17.34 -4.09 12.86
N ILE A 399 18.40 -3.43 12.42
CA ILE A 399 19.01 -3.87 11.17
C ILE A 399 19.48 -5.30 11.32
N ARG A 400 20.12 -5.59 12.44
CA ARG A 400 20.72 -6.90 12.63
C ARG A 400 19.65 -7.97 12.59
N SER A 401 18.57 -7.77 13.32
CA SER A 401 17.56 -8.82 13.35
C SER A 401 16.85 -8.92 12.00
N ILE A 402 16.65 -7.81 11.29
CA ILE A 402 16.13 -7.94 9.94
C ILE A 402 17.07 -8.75 9.06
N GLN A 403 18.37 -8.58 9.23
CA GLN A 403 19.29 -9.35 8.40
C GLN A 403 19.23 -10.83 8.74
N GLU A 404 19.03 -11.15 10.02
CA GLU A 404 18.88 -12.54 10.46
C GLU A 404 17.61 -13.17 9.91
N LYS A 405 16.49 -12.42 9.93
CA LYS A 405 15.26 -12.91 9.31
C LYS A 405 15.42 -13.20 7.82
N ALA A 406 16.12 -12.30 7.08
CA ALA A 406 16.41 -12.51 5.67
C ALA A 406 17.31 -13.72 5.44
N LYS A 407 18.35 -13.87 6.26
CA LYS A 407 19.17 -15.09 6.21
C LYS A 407 18.31 -16.34 6.32
N TYR A 408 17.38 -16.33 7.27
CA TYR A 408 16.50 -17.47 7.52
C TYR A 408 15.60 -17.73 6.32
N VAL A 409 14.98 -16.67 5.80
CA VAL A 409 14.15 -16.76 4.61
C VAL A 409 14.91 -17.41 3.48
N LYS A 410 16.10 -16.87 3.15
CA LYS A 410 16.91 -17.44 2.07
C LYS A 410 17.20 -18.90 2.31
N GLU A 411 17.56 -19.26 3.56
CA GLU A 411 18.00 -20.62 3.86
C GLU A 411 16.86 -21.63 3.92
N ASN A 412 15.66 -21.21 4.28
CA ASN A 412 14.51 -22.10 4.28
C ASN A 412 13.64 -22.01 3.02
N ASN A 413 14.12 -21.32 1.99
CA ASN A 413 13.40 -21.20 0.71
C ASN A 413 12.03 -20.57 0.88
N LEU A 414 11.91 -19.62 1.81
CA LEU A 414 10.66 -18.94 2.05
C LEU A 414 10.43 -17.86 1.00
N GLY A 415 9.34 -17.11 1.17
CA GLY A 415 8.87 -16.20 0.13
C GLY A 415 9.25 -14.74 0.23
N GLY A 416 9.75 -14.32 1.37
CA GLY A 416 10.21 -12.96 1.54
C GLY A 416 9.86 -12.41 2.92
N ILE A 417 9.93 -11.09 3.05
CA ILE A 417 9.66 -10.37 4.28
C ILE A 417 8.63 -9.27 4.01
N ILE A 418 7.78 -9.02 5.01
CA ILE A 418 6.81 -7.92 4.99
C ILE A 418 7.04 -7.06 6.23
N GLY A 419 6.90 -5.75 6.07
CA GLY A 419 7.15 -4.81 7.16
C GLY A 419 5.89 -4.04 7.53
N TRP A 420 5.74 -3.75 8.82
CA TRP A 420 4.71 -2.84 9.32
C TRP A 420 5.42 -1.77 10.14
N MET A 421 5.39 -0.49 9.70
CA MET A 421 4.83 0.00 8.44
C MET A 421 5.75 1.09 7.88
N ALA A 422 5.53 1.51 6.62
CA ALA A 422 6.51 2.35 5.90
C ALA A 422 6.82 3.64 6.65
N SER A 423 5.80 4.30 7.17
CA SER A 423 6.04 5.60 7.81
C SER A 423 6.88 5.52 9.08
N GLN A 424 7.10 4.35 9.64
CA GLN A 424 7.92 4.26 10.87
C GLN A 424 9.40 3.97 10.60
N ASP A 425 9.77 3.74 9.37
CA ASP A 425 11.19 3.55 9.02
C ASP A 425 11.92 4.88 9.18
N ALA A 426 13.23 4.82 9.44
CA ALA A 426 14.06 6.01 9.59
C ALA A 426 14.67 6.47 8.28
N THR A 427 14.96 7.76 8.20
CA THR A 427 15.66 8.25 7.02
C THR A 427 17.14 7.94 7.17
N THR A 428 17.87 8.07 6.06
CA THR A 428 19.32 7.86 6.07
C THR A 428 20.02 9.09 5.50
N ASN A 429 19.98 9.30 4.19
CA ASN A 429 20.65 10.47 3.61
C ASN A 429 19.74 11.30 2.69
N SER A 430 18.44 11.07 2.74
CA SER A 430 17.50 11.82 1.96
C SER A 430 16.21 11.88 2.76
N THR A 431 15.15 12.35 2.13
CA THR A 431 13.87 12.43 2.81
C THR A 431 13.11 11.11 2.75
N LYS A 432 13.66 10.10 2.08
CA LYS A 432 12.99 8.81 1.99
C LYS A 432 13.14 8.10 3.32
N ARG A 433 12.08 7.46 3.77
CA ARG A 433 12.16 6.65 4.97
C ARG A 433 12.57 5.26 4.53
N ASP A 434 13.86 4.91 4.77
CA ASP A 434 14.43 3.75 4.08
C ASP A 434 15.54 3.00 4.83
N GLU A 435 15.83 3.27 6.10
CA GLU A 435 16.93 2.56 6.75
C GLU A 435 16.67 1.06 6.81
N LEU A 436 15.52 0.66 7.36
CA LEU A 436 15.26 -0.77 7.48
C LEU A 436 14.81 -1.37 6.16
N THR A 437 14.14 -0.58 5.32
CA THR A 437 13.73 -1.10 4.02
C THR A 437 14.94 -1.42 3.17
N THR A 438 15.98 -0.61 3.29
CA THR A 438 17.18 -0.87 2.50
C THR A 438 17.95 -2.04 3.09
N ALA A 439 17.92 -2.18 4.42
CA ALA A 439 18.52 -3.37 5.00
C ALA A 439 17.80 -4.62 4.56
N THR A 440 16.48 -4.62 4.57
CA THR A 440 15.72 -5.80 4.17
C THR A 440 15.99 -6.17 2.71
N LYS A 441 15.88 -5.18 1.80
CA LYS A 441 16.11 -5.44 0.39
C LYS A 441 17.50 -6.00 0.16
N GLU A 442 18.50 -5.38 0.76
CA GLU A 442 19.85 -5.78 0.44
C GLU A 442 20.17 -7.14 1.02
N SER A 443 19.58 -7.51 2.17
CA SER A 443 19.85 -8.83 2.72
CA SER A 443 19.86 -8.83 2.71
C SER A 443 19.11 -9.92 1.95
N LEU A 444 17.96 -9.61 1.38
CA LEU A 444 17.22 -10.55 0.55
C LEU A 444 17.77 -10.65 -0.86
N PHE A 445 18.22 -9.53 -1.44
CA PHE A 445 18.44 -9.44 -2.87
C PHE A 445 19.86 -9.06 -3.25
N GLY A 446 20.68 -8.65 -2.29
CA GLY A 446 21.95 -8.07 -2.66
C GLY A 446 21.77 -6.63 -3.13
N LYS A 447 22.81 -6.12 -3.75
CA LYS A 447 22.89 -4.73 -4.17
C LYS A 447 22.31 -4.50 -5.56
N GLU A 448 21.98 -5.56 -6.29
CA GLU A 448 21.54 -5.41 -7.67
C GLU A 448 20.14 -4.82 -7.72
N ASP A 449 19.82 -4.19 -8.86
CA ASP A 449 18.49 -3.63 -9.06
C ASP A 449 17.44 -4.73 -9.03
N LEU A 450 16.29 -4.42 -8.48
CA LEU A 450 15.22 -5.39 -8.50
C LEU A 450 14.74 -5.60 -9.94
N PRO A 451 14.19 -6.78 -10.25
CA PRO A 451 13.61 -7.00 -11.58
C PRO A 451 12.49 -6.02 -11.86
N LYS A 452 12.44 -5.55 -13.11
CA LYS A 452 11.44 -4.60 -13.57
C LYS A 452 10.31 -5.31 -14.33
N TYR A 453 9.10 -4.76 -14.24
CA TYR A 453 7.99 -5.38 -14.93
C TYR A 453 7.35 -4.41 -15.91
N GLU A 454 6.75 -4.98 -16.93
CA GLU A 454 5.94 -4.19 -17.82
C GLU A 454 4.72 -3.69 -17.08
N ILE A 455 4.35 -2.44 -17.36
CA ILE A 455 3.14 -1.85 -16.83
C ILE A 455 2.21 -1.57 -18.01
N LYS A 456 1.01 -2.15 -17.98
CA LYS A 456 -0.06 -1.86 -18.94
C LYS A 456 -1.14 -0.95 -18.36
N TYR A 457 -1.79 -0.20 -19.25
CA TYR A 457 -2.92 0.65 -18.92
C TYR A 457 -4.00 0.40 -19.97
N THR A 458 -5.25 0.71 -19.61
N THR A 458 -5.24 0.72 -19.61
CA THR A 458 -6.35 0.65 -20.55
CA THR A 458 -6.33 0.65 -20.56
C THR A 458 -6.44 1.98 -21.28
C THR A 458 -6.45 1.99 -21.29
N GLU A 459 -6.38 1.94 -22.62
CA GLU A 459 -6.53 3.15 -23.41
C GLU A 459 -7.87 3.80 -23.10
N ASN A 460 -7.87 5.11 -23.00
CA ASN A 460 -9.13 5.81 -22.80
C ASN A 460 -9.82 6.00 -24.16
N ASP A 461 -11.13 6.30 -24.11
CA ASP A 461 -11.97 6.51 -25.29
C ASP A 461 -11.84 7.99 -25.66
N ILE A 462 -10.79 8.29 -26.41
CA ILE A 462 -10.47 9.65 -26.84
C ILE A 462 -10.57 9.70 -28.36
N THR A 463 -11.40 10.61 -28.86
CA THR A 463 -11.49 10.82 -30.29
C THR A 463 -11.14 12.27 -30.64
N CYS A 464 -11.04 12.50 -31.95
CA CYS A 464 -10.63 13.81 -32.41
CA CYS A 464 -10.47 13.72 -32.48
C CYS A 464 -11.05 14.00 -33.86
N THR A 465 -11.11 15.27 -34.23
CA THR A 465 -11.44 15.74 -35.58
C THR A 465 -10.40 16.77 -35.94
N VAL A 466 -9.98 16.81 -37.22
CA VAL A 466 -9.05 17.81 -37.75
C VAL A 466 -9.63 18.37 -39.03
N THR A 467 -9.80 19.68 -39.08
CA THR A 467 -10.43 20.35 -40.22
C THR A 467 -9.52 21.48 -40.70
N PRO A 468 -9.11 21.50 -41.97
CA PRO A 468 -8.50 22.71 -42.51
C PRO A 468 -9.47 23.89 -42.39
N VAL A 469 -8.92 25.05 -42.08
CA VAL A 469 -9.66 26.30 -42.16
C VAL A 469 -9.02 27.09 -43.29
N LYS A 470 -9.82 27.42 -44.31
CA LYS A 470 -9.29 28.11 -45.47
C LYS A 470 -8.85 29.52 -45.09
N GLN A 471 -7.57 29.81 -45.32
CA GLN A 471 -7.00 31.14 -45.15
C GLN A 471 -6.99 31.81 -46.51
N SER A 472 -7.72 32.92 -46.64
CA SER A 472 -7.70 33.69 -47.87
C SER A 472 -6.57 34.74 -47.88
N TRP A 473 -6.17 35.25 -46.71
CA TRP A 473 -5.11 36.24 -46.67
C TRP A 473 -4.06 35.84 -45.65
N GLY A 474 -3.03 36.67 -45.57
CA GLY A 474 -1.97 36.50 -44.60
C GLY A 474 -0.99 35.40 -44.94
N SER A 475 -0.02 35.27 -44.04
CA SER A 475 0.94 34.20 -44.07
C SER A 475 0.38 33.02 -43.31
N GLY A 476 0.68 31.80 -43.80
CA GLY A 476 0.41 30.59 -43.05
C GLY A 476 -0.97 29.97 -43.30
N GLY A 477 -1.28 28.99 -42.45
CA GLY A 477 -2.56 28.33 -42.51
C GLY A 477 -2.98 27.96 -41.10
N VAL A 478 -4.18 27.38 -41.00
CA VAL A 478 -4.78 26.99 -39.73
C VAL A 478 -5.42 25.62 -39.89
N LEU A 479 -5.29 24.81 -38.84
CA LEU A 479 -5.96 23.53 -38.67
C LEU A 479 -6.83 23.63 -37.42
N LYS A 480 -8.14 23.45 -37.55
CA LYS A 480 -8.99 23.42 -36.36
C LYS A 480 -9.06 21.97 -35.89
N MET A 481 -8.68 21.75 -34.62
CA MET A 481 -8.58 20.43 -34.01
C MET A 481 -9.57 20.33 -32.87
N SER A 482 -10.22 19.17 -32.76
CA SER A 482 -11.11 18.89 -31.65
C SER A 482 -10.68 17.59 -31.04
N ILE A 483 -10.64 17.54 -29.72
CA ILE A 483 -10.35 16.31 -29.00
C ILE A 483 -11.47 16.12 -27.97
N THR A 484 -12.08 14.94 -27.96
CA THR A 484 -13.21 14.69 -27.08
C THR A 484 -12.91 13.54 -26.14
N ASN A 485 -13.18 13.74 -24.86
CA ASN A 485 -13.15 12.65 -23.89
C ASN A 485 -14.53 12.00 -23.89
N ASN A 486 -14.64 10.82 -24.48
CA ASN A 486 -15.95 10.19 -24.56
C ASN A 486 -16.25 9.25 -23.39
N GLU A 487 -15.35 9.15 -22.40
CA GLU A 487 -15.69 8.38 -21.20
C GLU A 487 -17.01 8.82 -20.57
N LYS A 488 -17.68 7.89 -19.88
CA LYS A 488 -18.97 8.15 -19.26
C LYS A 488 -18.97 7.58 -17.83
N LEU A 489 -19.40 8.39 -16.87
CA LEU A 489 -19.36 7.96 -15.47
C LEU A 489 -20.62 7.17 -15.14
N ASP A 490 -20.40 5.95 -14.63
CA ASP A 490 -21.34 4.85 -14.45
C ASP A 490 -21.48 4.38 -13.02
N GLU A 491 -20.43 4.52 -12.22
CA GLU A 491 -20.33 3.76 -11.00
C GLU A 491 -21.10 4.43 -9.87
N SER A 492 -21.49 3.61 -8.88
CA SER A 492 -22.20 4.11 -7.72
C SER A 492 -21.42 3.80 -6.45
N GLY A 493 -21.80 4.50 -5.37
CA GLY A 493 -21.01 4.49 -4.16
C GLY A 493 -19.85 5.48 -4.23
N GLU A 494 -19.44 5.96 -3.06
CA GLU A 494 -18.34 6.92 -3.01
C GLU A 494 -17.04 6.36 -3.57
N VAL A 495 -16.71 5.10 -3.22
CA VAL A 495 -15.39 4.57 -3.55
C VAL A 495 -15.25 4.36 -5.05
N LEU A 496 -16.20 3.61 -5.66
CA LEU A 496 -16.06 3.28 -7.08
C LEU A 496 -16.28 4.49 -7.95
N SER A 497 -17.16 5.42 -7.56
CA SER A 497 -17.34 6.60 -8.39
C SER A 497 -16.14 7.53 -8.33
N THR A 498 -15.51 7.69 -7.16
CA THR A 498 -14.30 8.53 -7.12
C THR A 498 -13.15 7.91 -7.90
N VAL A 499 -12.90 6.60 -7.76
CA VAL A 499 -11.75 6.06 -8.52
C VAL A 499 -12.07 5.96 -10.03
N GLU A 500 -13.34 5.75 -10.40
CA GLU A 500 -13.75 5.78 -11.80
C GLU A 500 -13.53 7.16 -12.40
N THR A 501 -14.01 8.19 -11.71
CA THR A 501 -13.79 9.56 -12.14
C THR A 501 -12.32 9.84 -12.41
N SER A 502 -11.45 9.42 -11.49
CA SER A 502 -10.03 9.68 -11.69
C SER A 502 -9.51 8.96 -12.93
N ALA A 503 -9.83 7.67 -13.06
CA ALA A 503 -9.40 6.88 -14.21
C ALA A 503 -9.91 7.44 -15.54
N LYS A 504 -11.12 8.00 -15.54
CA LYS A 504 -11.79 8.50 -16.74
C LYS A 504 -11.58 10.00 -17.00
N THR A 505 -10.77 10.68 -16.18
CA THR A 505 -10.23 12.00 -16.47
C THR A 505 -8.92 11.87 -17.26
N VAL A 506 -8.82 12.55 -18.40
CA VAL A 506 -7.57 12.59 -19.16
C VAL A 506 -6.65 13.63 -18.54
N LYS A 507 -5.48 13.18 -18.07
CA LYS A 507 -4.65 13.94 -17.13
C LYS A 507 -3.38 14.48 -17.81
N ASN A 508 -3.14 15.79 -17.72
CA ASN A 508 -1.94 16.39 -18.30
C ASN A 508 -1.71 15.95 -19.74
N MET A 509 -2.75 16.00 -20.57
CA MET A 509 -2.64 15.45 -21.92
C MET A 509 -1.53 16.12 -22.73
N LYS A 510 -0.71 15.30 -23.42
CA LYS A 510 0.22 15.76 -24.45
C LYS A 510 -0.28 15.23 -25.77
N VAL A 511 -0.35 16.08 -26.80
CA VAL A 511 -0.82 15.69 -28.13
C VAL A 511 0.39 15.67 -29.04
N TYR A 512 0.69 14.48 -29.58
CA TYR A 512 1.81 14.25 -30.50
C TYR A 512 1.28 14.19 -31.92
N ILE A 513 1.71 15.13 -32.75
CA ILE A 513 1.22 15.22 -34.12
C ILE A 513 2.40 15.03 -35.05
N LYS A 514 2.33 14.03 -35.91
CA LYS A 514 3.36 13.85 -36.93
C LYS A 514 2.85 14.36 -38.25
N THR A 515 3.63 15.21 -38.91
CA THR A 515 3.23 15.78 -40.18
C THR A 515 4.19 15.35 -41.27
N ASP A 516 3.79 15.64 -42.50
CA ASP A 516 4.58 15.42 -43.70
C ASP A 516 4.68 16.76 -44.40
N GLY A 517 5.82 17.44 -44.22
CA GLY A 517 6.02 18.69 -44.91
C GLY A 517 5.20 19.86 -44.44
N ILE A 518 4.97 19.98 -43.13
CA ILE A 518 4.25 21.14 -42.65
C ILE A 518 4.48 21.37 -41.17
N ALA A 519 4.82 22.61 -40.83
CA ALA A 519 5.21 22.97 -39.48
C ALA A 519 3.99 23.49 -38.74
N ILE A 520 3.84 23.05 -37.50
CA ILE A 520 2.84 23.64 -36.62
C ILE A 520 3.58 24.72 -35.83
N THR A 521 3.35 25.97 -36.19
CA THR A 521 4.16 27.04 -35.65
C THR A 521 3.60 27.61 -34.36
N GLY A 522 2.35 27.32 -34.05
CA GLY A 522 1.73 27.92 -32.87
C GLY A 522 0.36 27.32 -32.64
N SER A 523 -0.21 27.65 -31.47
CA SER A 523 -1.56 27.25 -31.11
C SER A 523 -2.25 28.41 -30.42
N GLN A 524 -3.57 28.40 -30.44
CA GLN A 524 -4.39 29.46 -29.87
C GLN A 524 -5.24 28.89 -28.74
N TYR A 525 -5.50 29.72 -27.73
CA TYR A 525 -6.42 29.39 -26.66
C TYR A 525 -7.66 28.72 -27.24
N PRO A 526 -8.12 27.62 -26.69
CA PRO A 526 -7.76 26.97 -25.42
C PRO A 526 -6.73 25.86 -25.54
N ALA A 527 -6.02 25.77 -26.67
CA ALA A 527 -4.95 24.78 -26.71
C ALA A 527 -3.87 25.14 -25.69
N GLY A 528 -3.09 24.12 -25.28
CA GLY A 528 -1.81 24.38 -24.64
C GLY A 528 -0.75 24.80 -25.65
N PRO A 529 0.44 25.10 -25.15
CA PRO A 529 1.54 25.54 -26.03
C PRO A 529 2.04 24.41 -26.90
N VAL A 530 2.63 24.77 -28.06
CA VAL A 530 3.15 23.82 -29.04
C VAL A 530 4.67 23.78 -28.95
N THR A 531 5.23 22.59 -29.03
CA THR A 531 6.67 22.48 -29.15
C THR A 531 7.02 21.44 -30.21
N LYS A 532 8.25 21.49 -30.73
CA LYS A 532 8.73 20.47 -31.66
C LYS A 532 9.69 19.55 -30.91
N GLU A 533 9.35 18.26 -30.85
CA GLU A 533 10.16 17.23 -30.19
C GLU A 533 10.44 16.09 -31.17
N GLY A 534 11.64 16.09 -31.76
CA GLY A 534 11.94 15.06 -32.74
C GLY A 534 10.97 15.20 -33.88
N ASP A 535 10.42 14.08 -34.35
CA ASP A 535 9.55 14.20 -35.52
C ASP A 535 8.14 14.70 -35.20
N TYR A 536 7.86 15.12 -33.98
CA TYR A 536 6.50 15.41 -33.57
C TYR A 536 6.37 16.84 -33.12
N TYR A 537 5.21 17.43 -33.43
CA TYR A 537 4.80 18.67 -32.82
C TYR A 537 3.97 18.25 -31.61
N VAL A 538 4.18 18.92 -30.47
CA VAL A 538 3.65 18.44 -29.19
C VAL A 538 2.83 19.57 -28.55
N ILE A 539 1.55 19.33 -28.31
CA ILE A 539 0.69 20.29 -27.61
C ILE A 539 0.56 19.85 -26.17
N ASP A 540 0.96 20.70 -25.24
CA ASP A 540 1.05 20.30 -23.82
C ASP A 540 -0.11 20.92 -23.04
N PHE A 541 -1.20 20.16 -22.87
CA PHE A 541 -2.32 20.64 -22.05
C PHE A 541 -2.04 20.59 -20.53
N GLY A 542 -0.99 19.89 -20.08
CA GLY A 542 -0.60 20.01 -18.69
C GLY A 542 -0.11 21.39 -18.29
N LYS A 543 0.37 22.19 -19.26
CA LYS A 543 0.80 23.56 -18.97
C LYS A 543 -0.33 24.59 -18.86
N ILE A 544 -1.59 24.18 -19.04
CA ILE A 544 -2.75 25.08 -19.01
C ILE A 544 -3.62 24.66 -17.83
N SER A 545 -3.86 25.57 -16.86
CA SER A 545 -4.67 25.20 -15.69
C SER A 545 -6.00 24.61 -16.12
N ASP A 546 -6.67 25.23 -17.10
CA ASP A 546 -7.90 24.74 -17.73
C ASP A 546 -7.73 23.49 -18.56
N GLY A 547 -6.51 23.10 -18.89
CA GLY A 547 -6.36 22.00 -19.80
C GLY A 547 -5.95 20.72 -19.12
N LYS A 548 -5.50 20.80 -17.87
CA LYS A 548 -4.70 19.67 -17.35
C LYS A 548 -5.55 18.54 -16.78
N LEU A 549 -6.83 18.75 -16.49
CA LEU A 549 -7.72 17.65 -16.11
C LEU A 549 -8.95 17.68 -17.01
N MET A 550 -9.00 16.75 -17.96
CA MET A 550 -10.05 16.77 -18.97
C MET A 550 -11.11 15.73 -18.62
N LYS A 551 -12.23 16.21 -18.07
CA LYS A 551 -13.26 15.37 -17.47
C LYS A 551 -14.03 14.56 -18.51
N ALA A 552 -14.62 13.47 -18.04
CA ALA A 552 -15.44 12.64 -18.90
C ALA A 552 -16.51 13.50 -19.60
N GLY A 553 -16.59 13.38 -20.93
CA GLY A 553 -17.57 14.12 -21.70
C GLY A 553 -17.14 15.48 -22.19
N ILE A 554 -15.95 15.95 -21.86
CA ILE A 554 -15.47 17.28 -22.24
C ILE A 554 -14.89 17.21 -23.64
N THR A 555 -15.08 18.27 -24.42
CA THR A 555 -14.35 18.46 -25.68
C THR A 555 -13.49 19.72 -25.60
N PHE A 556 -12.24 19.63 -26.09
CA PHE A 556 -11.40 20.79 -26.33
C PHE A 556 -11.39 21.06 -27.84
N THR A 557 -11.78 22.28 -28.23
CA THR A 557 -11.73 22.70 -29.62
C THR A 557 -10.80 23.89 -29.75
N PHE A 558 -9.86 23.82 -30.69
CA PHE A 558 -8.81 24.85 -30.76
C PHE A 558 -8.16 24.89 -32.14
N ASP A 559 -7.56 26.05 -32.44
CA ASP A 559 -6.85 26.30 -33.69
C ASP A 559 -5.35 26.06 -33.52
N LEU A 560 -4.76 25.40 -34.50
CA LEU A 560 -3.31 25.31 -34.68
C LEU A 560 -2.90 26.12 -35.90
N ASN A 561 -1.79 26.86 -35.78
CA ASN A 561 -1.24 27.64 -36.87
C ASN A 561 -0.20 26.81 -37.60
N LEU A 562 -0.17 26.96 -38.93
CA LEU A 562 0.69 26.22 -39.82
C LEU A 562 1.51 27.19 -40.68
N ASP A 563 2.70 26.75 -41.13
CA ASP A 563 3.52 27.60 -42.01
C ASP A 563 3.03 27.60 -43.44
N LYS A 564 2.00 26.81 -43.76
CA LYS A 564 1.40 26.92 -45.07
C LYS A 564 -0.07 26.54 -44.98
N ALA A 565 -0.88 27.22 -45.77
CA ALA A 565 -2.30 26.93 -45.86
C ALA A 565 -2.54 25.54 -46.44
N ILE A 566 -3.54 24.86 -45.92
CA ILE A 566 -3.88 23.54 -46.43
C ILE A 566 -5.37 23.49 -46.76
N GLU A 567 -5.70 22.64 -47.71
CA GLU A 567 -7.09 22.41 -48.11
C GLU A 567 -7.59 21.03 -47.69
N ASP A 568 -6.70 20.15 -47.25
CA ASP A 568 -7.05 18.79 -46.83
C ASP A 568 -6.21 18.45 -45.60
N THR A 569 -6.27 17.19 -45.18
CA THR A 569 -5.44 16.69 -44.10
C THR A 569 -4.36 15.72 -44.59
N ASN A 570 -4.10 15.66 -45.91
CA ASN A 570 -3.13 14.68 -46.40
C ASN A 570 -1.73 14.90 -45.83
N ASN A 571 -1.41 16.12 -45.41
CA ASN A 571 -0.13 16.42 -44.80
C ASN A 571 -0.04 15.99 -43.32
N ILE A 572 -1.12 15.51 -42.71
CA ILE A 572 -1.09 15.00 -41.34
C ILE A 572 -1.00 13.48 -41.36
N ILE A 573 -0.05 12.93 -40.62
CA ILE A 573 0.20 11.49 -40.58
C ILE A 573 -0.58 10.82 -39.45
N SER A 574 -0.49 11.37 -38.26
CA SER A 574 -0.96 10.67 -37.07
C SER A 574 -1.05 11.65 -35.90
N ILE A 575 -1.98 11.35 -35.01
CA ILE A 575 -2.18 12.12 -33.79
C ILE A 575 -2.28 11.14 -32.63
N GLU A 576 -1.42 11.31 -31.62
CA GLU A 576 -1.43 10.46 -30.44
C GLU A 576 -1.57 11.35 -29.22
N VAL A 577 -2.00 10.75 -28.11
CA VAL A 577 -2.00 11.44 -26.83
C VAL A 577 -1.42 10.56 -25.74
N SER A 578 -0.79 11.19 -24.76
CA SER A 578 -0.30 10.50 -23.58
C SER A 578 -0.78 11.28 -22.38
N GLN A 579 -0.62 10.68 -21.20
CA GLN A 579 -1.04 11.32 -19.96
C GLN A 579 0.11 11.29 -18.97
N ARG A 580 -0.01 12.08 -17.90
CA ARG A 580 0.87 12.08 -16.74
C ARG A 580 0.01 12.36 -15.55
N MET A 581 0.33 11.74 -14.43
CA MET A 581 -0.44 12.02 -13.22
C MET A 581 -0.19 13.47 -12.77
N TYR A 582 1.07 13.88 -12.75
CA TYR A 582 1.52 15.21 -12.37
C TYR A 582 2.36 15.75 -13.53
N GLN A 583 2.56 17.06 -13.58
CA GLN A 583 3.35 17.61 -14.70
C GLN A 583 4.72 16.95 -14.80
N THR A 584 5.28 16.53 -13.67
CA THR A 584 6.64 16.02 -13.60
C THR A 584 6.71 14.51 -13.40
N SER A 585 5.56 13.79 -13.44
CA SER A 585 5.63 12.34 -13.39
C SER A 585 5.65 11.76 -14.82
N PRO A 586 5.99 10.47 -14.98
CA PRO A 586 6.19 9.90 -16.32
C PRO A 586 4.94 9.81 -17.17
N GLU A 587 5.15 9.93 -18.47
CA GLU A 587 4.07 9.77 -19.43
C GLU A 587 3.68 8.31 -19.51
N PHE A 588 2.37 8.07 -19.72
CA PHE A 588 1.85 6.72 -19.77
C PHE A 588 0.62 6.70 -20.65
N ASN A 589 0.30 5.52 -21.17
CA ASN A 589 -0.91 5.30 -21.93
C ASN A 589 -0.91 6.11 -23.24
N ARG A 590 0.24 6.14 -23.90
CA ARG A 590 0.30 6.75 -25.22
C ARG A 590 -0.54 5.92 -26.18
N GLN A 591 -1.44 6.58 -26.89
CA GLN A 591 -2.41 5.90 -27.73
C GLN A 591 -2.70 6.76 -28.95
N THR A 592 -3.00 6.10 -30.07
CA THR A 592 -3.25 6.77 -31.33
C THR A 592 -4.73 7.10 -31.41
N ILE A 593 -5.05 8.36 -31.71
CA ILE A 593 -6.45 8.77 -31.79
C ILE A 593 -6.82 9.27 -33.17
N TRP A 594 -5.88 9.34 -34.11
CA TRP A 594 -6.20 9.72 -35.49
C TRP A 594 -5.07 9.24 -36.35
N GLU A 595 -5.42 8.66 -37.51
CA GLU A 595 -4.42 8.20 -38.46
C GLU A 595 -4.91 8.40 -39.89
N ASN A 596 -4.00 8.82 -40.76
CA ASN A 596 -4.32 9.02 -42.17
C ASN A 596 -4.19 7.70 -42.94
N THR A 597 -5.04 7.55 -43.95
CA THR A 597 -5.07 6.36 -44.78
C THR A 597 -4.61 6.63 -46.23
#